data_3FQJ
#
_entry.id   3FQJ
#
_cell.length_a   58.293
_cell.length_b   73.573
_cell.length_c   108.890
_cell.angle_alpha   90.000
_cell.angle_beta   90.000
_cell.angle_gamma   90.000
#
_symmetry.space_group_name_H-M   'P 21 21 21'
#
loop_
_entity.id
_entity.type
_entity.pdbx_description
1 polymer 'Protein Dom3Z'
2 non-polymer 'MAGNESIUM ION'
3 non-polymer "GUANOSINE-5'-DIPHOSPHATE"
4 water water
#
_entity_poly.entity_id   1
_entity_poly.type   'polypeptide(L)'
_entity_poly.pdbx_seq_one_letter_code
;MGSSHHHHHHSSGLVPRSGHMEPRGTKRKAEKTEVEKPLNKLPRAVPSLRTQPSLYSGPFPFYRRPSELGCFSLDAQRQY
HGDARALRYYSPPPINGPGPDFDLRDGYPDRYQPRDEEVQERLDHLLRWVLEHRNQLEGGPGWLAGATVTWRGHLTKLLT
TPYERQEGWQLAASRFQGTLYLSEVETPAARAQRLARPPLLRELMYMGYKFEQYMCADKPGGSPDPSGEVNTNVAYCSVL
RSRLGNHPLLFSGEVDCLNPQAPCTQPPSCYVELKTSKEMHSPGQWRSFYRHKLLKWWAQSFLPGVPHVVAGFRNPEGFV
CSLKTFPTMEMFENVRNDREGWNPSVCMNFCAAFLSFAQSTVVQDDPRLVHLFSWEPGGPVTVSVHRDAPYAFLPSWYVE
TMTQDLPPLSKTPSPKD
;
_entity_poly.pdbx_strand_id   A
#
# COMPACT_ATOMS: atom_id res chain seq x y z
N PRO A 47 10.30 -11.29 -23.27
CA PRO A 47 9.22 -10.76 -24.12
C PRO A 47 8.44 -9.62 -23.44
N SER A 48 7.12 -9.69 -23.49
CA SER A 48 6.25 -8.78 -22.77
C SER A 48 5.15 -9.62 -22.11
N LEU A 49 4.41 -9.03 -21.18
CA LEU A 49 3.36 -9.77 -20.48
C LEU A 49 1.98 -9.14 -20.65
N ARG A 50 1.06 -9.91 -21.20
CA ARG A 50 -0.31 -9.46 -21.44
C ARG A 50 -1.08 -9.29 -20.14
N THR A 51 -2.06 -8.40 -20.17
CA THR A 51 -2.62 -7.81 -18.96
C THR A 51 -4.11 -8.10 -18.74
N GLN A 52 -4.82 -8.48 -19.80
CA GLN A 52 -6.29 -8.61 -19.77
C GLN A 52 -6.81 -9.73 -18.86
N PRO A 53 -7.95 -9.50 -18.19
CA PRO A 53 -8.46 -10.38 -17.14
C PRO A 53 -8.73 -11.83 -17.58
N SER A 54 -9.26 -12.02 -18.79
CA SER A 54 -9.68 -13.37 -19.21
C SER A 54 -8.51 -14.36 -19.33
N LEU A 55 -7.29 -13.83 -19.32
CA LEU A 55 -6.08 -14.64 -19.33
C LEU A 55 -5.71 -15.14 -17.94
N TYR A 56 -6.30 -14.55 -16.91
CA TYR A 56 -5.93 -14.85 -15.52
C TYR A 56 -7.10 -15.29 -14.65
N SER A 57 -8.20 -15.65 -15.30
CA SER A 57 -9.28 -16.39 -14.65
C SER A 57 -8.77 -17.80 -14.38
N GLY A 58 -9.44 -18.51 -13.48
CA GLY A 58 -8.97 -19.81 -13.05
C GLY A 58 -8.83 -19.79 -11.55
N PRO A 59 -8.54 -20.96 -10.94
CA PRO A 59 -8.57 -21.06 -9.48
C PRO A 59 -7.69 -20.02 -8.80
N PHE A 60 -8.15 -19.53 -7.65
CA PHE A 60 -7.37 -18.65 -6.80
C PHE A 60 -6.05 -19.34 -6.45
N PRO A 61 -4.91 -18.65 -6.70
CA PRO A 61 -3.59 -19.28 -6.52
C PRO A 61 -3.26 -19.51 -5.05
N PHE A 62 -2.15 -20.16 -4.75
CA PHE A 62 -1.72 -20.25 -3.36
C PHE A 62 -1.20 -18.90 -2.88
N TYR A 63 -1.81 -18.34 -1.83
CA TYR A 63 -1.27 -17.16 -1.18
C TYR A 63 -1.13 -17.38 0.33
N ARG A 64 0.09 -17.65 0.77
CA ARG A 64 0.38 -17.92 2.18
C ARG A 64 -0.12 -16.78 3.05
N ARG A 65 -0.83 -17.12 4.12
CA ARG A 65 -1.29 -16.17 5.14
C ARG A 65 -0.10 -15.32 5.62
N PRO A 66 -0.19 -13.98 5.47
CA PRO A 66 0.95 -13.12 5.82
C PRO A 66 1.34 -13.20 7.30
N SER A 67 2.65 -13.16 7.55
CA SER A 67 3.18 -13.13 8.92
C SER A 67 3.99 -11.85 9.10
N GLU A 68 3.80 -11.19 10.24
CA GLU A 68 4.60 -10.02 10.56
C GLU A 68 5.95 -10.43 11.14
N LEU A 69 7.02 -10.09 10.41
CA LEU A 69 8.38 -10.38 10.83
C LEU A 69 8.94 -9.27 11.70
N GLY A 70 8.20 -8.16 11.76
CA GLY A 70 8.64 -7.03 12.54
C GLY A 70 7.99 -5.77 12.01
N CYS A 71 8.60 -4.63 12.31
CA CYS A 71 8.03 -3.35 11.95
C CYS A 71 9.02 -2.23 12.19
N PHE A 72 8.67 -1.03 11.73
CA PHE A 72 9.45 0.16 12.00
C PHE A 72 8.58 1.41 11.92
N SER A 73 9.11 2.52 12.42
CA SER A 73 8.37 3.77 12.46
C SER A 73 9.19 4.90 11.84
N LEU A 74 8.50 5.81 11.16
CA LEU A 74 9.11 7.08 10.76
C LEU A 74 8.54 8.18 11.64
N ASP A 75 9.40 9.10 12.06
CA ASP A 75 8.99 10.18 12.97
C ASP A 75 8.70 11.49 12.22
N ALA A 76 8.53 12.58 12.97
CA ALA A 76 8.14 13.88 12.40
C ALA A 76 9.08 14.40 11.31
N GLN A 77 10.34 13.98 11.34
CA GLN A 77 11.31 14.38 10.31
C GLN A 77 11.77 13.22 9.46
N ARG A 78 10.91 12.20 9.32
CA ARG A 78 11.11 11.10 8.38
C ARG A 78 12.32 10.21 8.74
N GLN A 79 12.62 10.13 10.03
CA GLN A 79 13.73 9.32 10.52
C GLN A 79 13.24 7.96 11.00
N TYR A 80 14.01 6.93 10.66
CA TYR A 80 13.70 5.54 10.99
C TYR A 80 13.95 5.22 12.45
N HIS A 81 13.03 4.46 13.02
CA HIS A 81 13.20 3.84 14.32
C HIS A 81 12.69 2.41 14.19
N GLY A 82 13.46 1.46 14.71
CA GLY A 82 13.09 0.04 14.63
C GLY A 82 12.07 -0.41 15.67
N ASP A 83 11.10 0.44 15.98
CA ASP A 83 10.06 0.11 16.96
C ASP A 83 8.65 0.49 16.47
N ALA A 84 7.65 0.31 17.33
CA ALA A 84 6.25 0.57 16.98
C ALA A 84 5.71 1.91 17.49
N ARG A 85 6.61 2.84 17.82
CA ARG A 85 6.20 4.11 18.45
C ARG A 85 5.13 4.90 17.69
N ALA A 86 5.12 4.78 16.37
CA ALA A 86 4.17 5.53 15.53
C ALA A 86 2.83 4.84 15.38
N LEU A 87 2.73 3.58 15.79
CA LEU A 87 1.47 2.84 15.74
C LEU A 87 0.42 3.51 16.63
N ARG A 88 -0.73 3.82 16.05
CA ARG A 88 -1.84 4.39 16.79
C ARG A 88 -2.91 3.33 17.03
N TYR A 89 -3.88 3.66 17.88
CA TYR A 89 -4.83 2.67 18.35
C TYR A 89 -6.27 3.04 18.00
N TYR A 90 -6.98 2.05 17.48
CA TYR A 90 -8.33 2.21 16.95
C TYR A 90 -9.28 2.71 18.04
N SER A 91 -9.91 3.85 17.76
CA SER A 91 -10.76 4.51 18.73
C SER A 91 -11.99 5.09 18.04
N PRO A 92 -12.92 4.23 17.62
CA PRO A 92 -14.12 4.70 16.92
C PRO A 92 -15.07 5.44 17.87
N PRO A 93 -16.09 6.14 17.31
CA PRO A 93 -17.09 6.76 18.18
C PRO A 93 -17.86 5.71 18.97
N PRO A 94 -18.00 5.91 20.30
CA PRO A 94 -18.76 4.98 21.15
C PRO A 94 -20.26 5.09 20.92
N ILE A 95 -20.99 4.06 21.33
CA ILE A 95 -22.46 4.09 21.36
C ILE A 95 -22.98 5.18 22.33
N ASN A 96 -22.27 5.36 23.44
CA ASN A 96 -22.60 6.30 24.52
C ASN A 96 -22.95 7.71 24.04
N GLY A 97 -22.00 8.31 23.32
CA GLY A 97 -22.14 9.67 22.79
C GLY A 97 -22.63 9.73 21.35
N PRO A 98 -22.37 10.87 20.67
CA PRO A 98 -22.91 11.07 19.32
C PRO A 98 -22.22 10.22 18.25
N GLY A 99 -22.90 10.02 17.12
CA GLY A 99 -22.28 9.44 15.93
C GLY A 99 -21.24 10.42 15.38
N PRO A 100 -20.50 10.02 14.32
CA PRO A 100 -19.38 10.82 13.83
C PRO A 100 -19.82 12.16 13.25
N ASP A 101 -19.11 13.22 13.60
CA ASP A 101 -19.31 14.51 12.96
C ASP A 101 -17.97 15.23 12.78
N PHE A 102 -17.07 14.58 12.04
CA PHE A 102 -15.67 14.99 12.00
C PHE A 102 -15.44 16.07 10.94
N ASP A 103 -14.91 17.22 11.36
CA ASP A 103 -14.55 18.28 10.42
C ASP A 103 -13.17 17.98 9.80
N LEU A 104 -13.18 17.43 8.60
CA LEU A 104 -11.94 17.06 7.93
C LEU A 104 -11.14 18.27 7.46
N ARG A 105 -11.80 19.44 7.37
CA ARG A 105 -11.15 20.69 7.00
C ARG A 105 -10.38 21.33 8.15
N ASP A 106 -10.76 20.99 9.38
CA ASP A 106 -10.14 21.56 10.58
C ASP A 106 -8.62 21.41 10.57
N GLY A 107 -7.91 22.54 10.69
CA GLY A 107 -6.46 22.53 10.81
C GLY A 107 -5.72 22.68 9.49
N TYR A 108 -6.48 22.79 8.40
CA TYR A 108 -5.87 22.98 7.09
C TYR A 108 -5.79 24.47 6.77
N PRO A 109 -4.60 24.96 6.38
CA PRO A 109 -3.31 24.26 6.28
C PRO A 109 -2.36 24.44 7.47
N ASP A 110 -2.72 25.31 8.42
CA ASP A 110 -1.85 25.65 9.56
C ASP A 110 -1.26 24.44 10.25
N ARG A 111 -2.11 23.47 10.58
CA ARG A 111 -1.68 22.27 11.30
C ARG A 111 -1.41 21.09 10.36
N TYR A 112 -0.86 21.39 9.19
CA TYR A 112 -0.50 20.39 8.18
C TYR A 112 0.98 20.46 7.86
N GLN A 113 1.72 19.39 8.15
CA GLN A 113 3.11 19.29 7.72
C GLN A 113 3.30 18.12 6.76
N PRO A 114 3.18 18.38 5.45
CA PRO A 114 3.20 17.34 4.43
C PRO A 114 4.61 16.83 4.20
N ARG A 115 4.75 15.53 3.99
CA ARG A 115 6.05 14.96 3.70
C ARG A 115 6.54 15.47 2.35
N ASP A 116 7.83 15.77 2.27
CA ASP A 116 8.46 16.28 1.06
C ASP A 116 8.49 15.20 -0.01
N GLU A 117 7.78 15.45 -1.10
CA GLU A 117 7.52 14.40 -2.10
C GLU A 117 8.58 14.32 -3.19
N GLU A 118 9.46 15.31 -3.25
CA GLU A 118 10.56 15.30 -4.21
C GLU A 118 11.58 14.24 -3.84
N VAL A 119 11.74 14.01 -2.54
CA VAL A 119 12.69 13.02 -2.03
C VAL A 119 12.33 11.61 -2.48
N GLN A 120 13.19 11.03 -3.31
CA GLN A 120 13.06 9.63 -3.70
C GLN A 120 13.61 8.76 -2.58
N GLU A 121 12.74 7.93 -2.02
CA GLU A 121 13.09 7.11 -0.86
C GLU A 121 13.42 5.69 -1.27
N ARG A 122 12.87 5.26 -2.40
CA ARG A 122 13.06 3.92 -2.95
C ARG A 122 12.71 2.86 -1.92
N LEU A 123 13.63 1.93 -1.66
CA LEU A 123 13.39 0.86 -0.70
C LEU A 123 14.18 1.07 0.59
N ASP A 124 14.81 2.23 0.72
CA ASP A 124 15.79 2.48 1.79
C ASP A 124 15.37 2.05 3.19
N HIS A 125 14.19 2.49 3.62
CA HIS A 125 13.72 2.18 4.97
C HIS A 125 13.56 0.66 5.18
N LEU A 126 13.03 -0.02 4.16
CA LEU A 126 12.91 -1.48 4.21
C LEU A 126 14.27 -2.18 4.21
N LEU A 127 15.18 -1.70 3.37
CA LEU A 127 16.54 -2.26 3.28
C LEU A 127 17.27 -2.19 4.63
N ARG A 128 17.11 -1.06 5.32
CA ARG A 128 17.63 -0.91 6.66
C ARG A 128 17.03 -1.98 7.57
N TRP A 129 15.71 -2.14 7.56
CA TRP A 129 15.09 -3.19 8.35
C TRP A 129 15.67 -4.56 7.99
N VAL A 130 15.78 -4.83 6.70
CA VAL A 130 16.32 -6.10 6.20
C VAL A 130 17.75 -6.34 6.70
N LEU A 131 18.55 -5.28 6.69
CA LEU A 131 19.93 -5.34 7.13
C LEU A 131 20.03 -5.63 8.61
N GLU A 132 19.13 -5.02 9.38
CA GLU A 132 19.14 -5.18 10.83
C GLU A 132 18.53 -6.51 11.30
N HIS A 133 18.11 -7.35 10.34
CA HIS A 133 17.45 -8.62 10.64
C HIS A 133 17.95 -9.77 9.74
N ARG A 134 19.11 -9.58 9.10
CA ARG A 134 19.58 -10.52 8.06
C ARG A 134 19.61 -11.98 8.49
N ASN A 135 19.86 -12.22 9.77
CA ASN A 135 19.84 -13.57 10.34
C ASN A 135 18.46 -14.07 10.80
N GLN A 136 17.45 -13.88 9.96
CA GLN A 136 16.12 -14.48 10.14
C GLN A 136 15.61 -14.99 8.81
N GLY A 142 18.72 -20.55 3.20
CA GLY A 142 18.82 -19.16 2.72
C GLY A 142 17.53 -18.65 2.09
N TRP A 143 16.55 -18.35 2.93
CA TRP A 143 15.21 -17.92 2.48
C TRP A 143 15.21 -16.63 1.65
N LEU A 144 15.93 -15.62 2.13
CA LEU A 144 16.01 -14.32 1.45
C LEU A 144 16.40 -14.43 -0.03
N ALA A 145 17.37 -15.29 -0.32
CA ALA A 145 17.88 -15.51 -1.68
C ALA A 145 16.79 -15.84 -2.71
N GLY A 146 15.69 -16.46 -2.26
CA GLY A 146 14.58 -16.80 -3.13
C GLY A 146 13.43 -15.80 -3.09
N ALA A 147 13.56 -14.74 -2.30
CA ALA A 147 12.46 -13.81 -2.13
C ALA A 147 12.47 -12.63 -3.09
N THR A 148 11.28 -12.12 -3.36
CA THR A 148 11.11 -10.82 -3.98
C THR A 148 10.81 -9.82 -2.87
N VAL A 149 11.49 -8.67 -2.89
CA VAL A 149 11.37 -7.67 -1.84
C VAL A 149 10.79 -6.35 -2.40
N THR A 150 9.71 -5.86 -1.79
CA THR A 150 9.09 -4.58 -2.19
C THR A 150 8.30 -3.89 -1.08
N TRP A 151 7.67 -2.77 -1.46
CA TRP A 151 6.60 -2.18 -0.68
C TRP A 151 5.26 -2.76 -1.11
N ARG A 152 4.42 -3.04 -0.11
CA ARG A 152 3.04 -3.48 -0.32
C ARG A 152 2.35 -2.71 -1.45
N GLY A 153 2.54 -1.40 -1.48
CA GLY A 153 1.96 -0.51 -2.48
C GLY A 153 2.30 -0.90 -3.91
N HIS A 154 3.54 -1.33 -4.13
CA HIS A 154 3.95 -1.80 -5.44
C HIS A 154 3.15 -3.06 -5.84
N LEU A 155 2.96 -3.97 -4.89
CA LEU A 155 2.18 -5.18 -5.15
C LEU A 155 0.72 -4.84 -5.41
N THR A 156 0.20 -3.83 -4.71
CA THR A 156 -1.16 -3.33 -4.96
C THR A 156 -1.40 -3.01 -6.44
N LYS A 157 -0.44 -2.31 -7.05
CA LYS A 157 -0.55 -1.91 -8.45
C LYS A 157 -0.48 -3.10 -9.42
N LEU A 158 0.27 -4.13 -9.07
CA LEU A 158 0.26 -5.40 -9.82
C LEU A 158 -1.11 -6.04 -9.73
N LEU A 159 -1.64 -6.18 -8.52
CA LEU A 159 -3.00 -6.70 -8.33
C LEU A 159 -4.08 -5.96 -9.14
N THR A 160 -3.98 -4.63 -9.26
CA THR A 160 -5.04 -3.85 -9.91
C THR A 160 -4.81 -3.62 -11.41
N THR A 161 -3.65 -4.02 -11.90
CA THR A 161 -3.30 -3.82 -13.32
C THR A 161 -4.38 -4.29 -14.31
N PRO A 162 -4.89 -5.54 -14.17
CA PRO A 162 -5.87 -6.01 -15.15
C PRO A 162 -7.15 -5.16 -15.25
N TYR A 163 -7.43 -4.34 -14.24
CA TYR A 163 -8.64 -3.54 -14.25
C TYR A 163 -8.38 -2.04 -14.29
N GLU A 164 -7.11 -1.64 -14.25
CA GLU A 164 -6.74 -0.22 -14.20
C GLU A 164 -6.89 0.44 -15.57
N ARG A 165 -7.67 1.53 -15.61
CA ARG A 165 -7.95 2.22 -16.88
C ARG A 165 -7.13 3.50 -17.10
N GLN A 166 -6.55 4.06 -16.03
CA GLN A 166 -5.91 5.37 -16.12
C GLN A 166 -4.44 5.39 -15.74
N GLU A 167 -4.11 4.79 -14.59
CA GLU A 167 -2.77 4.89 -14.04
C GLU A 167 -1.77 3.86 -14.53
N GLY A 168 -0.83 4.31 -15.36
CA GLY A 168 0.31 3.47 -15.74
C GLY A 168 1.28 3.36 -14.58
N TRP A 169 2.24 2.44 -14.68
CA TRP A 169 3.29 2.34 -13.68
C TRP A 169 4.63 1.89 -14.25
N GLN A 170 5.68 2.05 -13.45
CA GLN A 170 7.01 1.57 -13.78
C GLN A 170 7.65 0.95 -12.56
N LEU A 171 8.06 -0.31 -12.68
CA LEU A 171 8.79 -1.00 -11.62
C LEU A 171 10.21 -1.29 -12.08
N ALA A 172 11.18 -0.75 -11.35
CA ALA A 172 12.59 -1.10 -11.51
C ALA A 172 12.91 -2.39 -10.76
N ALA A 173 13.72 -3.25 -11.35
CA ALA A 173 14.04 -4.54 -10.74
C ALA A 173 15.54 -4.86 -10.82
N SER A 174 16.12 -5.15 -9.67
CA SER A 174 17.49 -5.61 -9.61
C SER A 174 17.56 -6.89 -8.80
N ARG A 175 18.35 -7.85 -9.29
CA ARG A 175 18.62 -9.02 -8.49
C ARG A 175 19.96 -8.85 -7.79
N PHE A 176 19.99 -9.18 -6.50
CA PHE A 176 21.20 -9.08 -5.71
C PHE A 176 21.23 -10.17 -4.63
N GLN A 177 22.23 -11.05 -4.73
CA GLN A 177 22.33 -12.27 -3.91
C GLN A 177 21.05 -13.11 -4.00
N GLY A 178 20.67 -13.45 -5.22
CA GLY A 178 19.45 -14.22 -5.49
C GLY A 178 18.17 -13.39 -5.37
N THR A 179 18.08 -12.63 -4.29
CA THR A 179 16.90 -11.82 -3.98
C THR A 179 16.55 -10.87 -5.12
N LEU A 180 15.26 -10.73 -5.41
CA LEU A 180 14.83 -9.77 -6.41
C LEU A 180 14.19 -8.58 -5.69
N TYR A 181 14.63 -7.38 -6.07
CA TYR A 181 14.14 -6.16 -5.45
C TYR A 181 13.37 -5.40 -6.49
N LEU A 182 12.15 -5.00 -6.14
CA LEU A 182 11.37 -4.17 -7.03
C LEU A 182 11.14 -2.82 -6.36
N SER A 183 11.21 -1.76 -7.15
CA SER A 183 11.10 -0.41 -6.64
C SER A 183 10.46 0.48 -7.69
N GLU A 184 9.30 1.04 -7.38
CA GLU A 184 8.56 1.88 -8.34
C GLU A 184 9.35 3.11 -8.81
N VAL A 185 9.26 3.39 -10.10
CA VAL A 185 9.74 4.64 -10.65
C VAL A 185 8.52 5.44 -11.07
N GLU A 186 8.47 6.68 -10.60
CA GLU A 186 7.40 7.60 -10.96
C GLU A 186 7.50 7.96 -12.44
N THR A 187 6.42 7.70 -13.18
CA THR A 187 6.37 8.01 -14.61
C THR A 187 6.44 9.52 -14.81
N PRO A 188 6.97 9.96 -15.96
CA PRO A 188 6.96 11.38 -16.34
C PRO A 188 5.56 12.03 -16.27
N ALA A 189 4.53 11.32 -16.68
CA ALA A 189 3.16 11.82 -16.60
C ALA A 189 2.72 12.08 -15.17
N ALA A 190 3.02 11.13 -14.27
CA ALA A 190 2.62 11.21 -12.88
C ALA A 190 3.31 12.36 -12.15
N ARG A 191 4.59 12.57 -12.45
CA ARG A 191 5.37 13.68 -11.90
C ARG A 191 4.75 15.02 -12.28
N ALA A 192 4.41 15.16 -13.55
CA ALA A 192 3.76 16.36 -14.06
C ALA A 192 2.46 16.67 -13.31
N GLN A 193 1.65 15.64 -13.06
CA GLN A 193 0.43 15.79 -12.27
C GLN A 193 0.70 16.15 -10.80
N ARG A 194 1.75 15.58 -10.23
CA ARG A 194 2.10 15.87 -8.84
C ARG A 194 2.55 17.34 -8.68
N LEU A 195 3.36 17.81 -9.61
CA LEU A 195 3.90 19.16 -9.57
C LEU A 195 2.82 20.22 -9.85
N ALA A 196 1.72 19.79 -10.44
CA ALA A 196 0.63 20.68 -10.80
C ALA A 196 -0.56 20.51 -9.87
N ARG A 197 -0.36 19.82 -8.74
CA ARG A 197 -1.46 19.53 -7.82
C ARG A 197 -2.21 20.77 -7.42
N PRO A 198 -3.51 20.84 -7.79
CA PRO A 198 -4.32 22.01 -7.53
C PRO A 198 -4.63 22.13 -6.05
N PRO A 199 -4.75 23.36 -5.53
CA PRO A 199 -5.08 23.59 -4.12
C PRO A 199 -6.13 22.65 -3.51
N LEU A 200 -7.26 22.43 -4.19
CA LEU A 200 -8.32 21.56 -3.65
C LEU A 200 -7.99 20.07 -3.62
N LEU A 201 -7.04 19.64 -4.45
CA LEU A 201 -6.61 18.23 -4.44
C LEU A 201 -5.60 18.00 -3.32
N ARG A 202 -4.85 19.04 -2.99
CA ARG A 202 -3.93 19.04 -1.88
C ARG A 202 -4.68 18.97 -0.54
N GLU A 203 -5.77 19.74 -0.42
CA GLU A 203 -6.64 19.70 0.76
C GLU A 203 -7.32 18.33 0.91
N LEU A 204 -7.71 17.75 -0.22
CA LEU A 204 -8.38 16.47 -0.22
C LEU A 204 -7.48 15.35 0.33
N MET A 205 -6.18 15.43 0.03
CA MET A 205 -5.20 14.49 0.57
C MET A 205 -5.08 14.62 2.07
N TYR A 206 -5.05 15.86 2.55
CA TYR A 206 -5.02 16.18 3.98
C TYR A 206 -6.19 15.55 4.74
N MET A 207 -7.39 15.75 4.18
CA MET A 207 -8.64 15.27 4.77
C MET A 207 -8.61 13.77 5.02
N GLY A 208 -7.96 13.03 4.12
CA GLY A 208 -7.77 11.60 4.29
C GLY A 208 -7.01 11.27 5.56
N TYR A 209 -5.87 11.93 5.75
CA TYR A 209 -5.05 11.75 6.94
C TYR A 209 -5.72 12.34 8.19
N LYS A 210 -6.48 13.41 7.99
CA LYS A 210 -7.24 14.04 9.06
C LYS A 210 -8.31 13.10 9.62
N PHE A 211 -8.93 12.31 8.74
CA PHE A 211 -9.91 11.33 9.18
C PHE A 211 -9.31 10.33 10.16
N GLU A 212 -8.05 9.93 9.91
CA GLU A 212 -7.37 8.98 10.78
C GLU A 212 -7.16 9.54 12.18
N GLN A 213 -6.99 10.85 12.27
CA GLN A 213 -6.74 11.52 13.54
C GLN A 213 -7.96 11.53 14.47
N TYR A 214 -9.16 11.57 13.88
CA TYR A 214 -10.42 11.47 14.62
C TYR A 214 -10.69 10.05 15.11
N MET A 215 -10.07 9.07 14.45
CA MET A 215 -10.35 7.66 14.70
C MET A 215 -9.25 6.94 15.50
N CYS A 216 -8.15 7.64 15.76
CA CYS A 216 -6.98 7.08 16.43
C CYS A 216 -6.67 7.72 17.76
N ALA A 217 -6.19 6.93 18.70
CA ALA A 217 -5.63 7.47 19.94
C ALA A 217 -4.14 7.12 20.02
N ASP A 218 -3.38 7.96 20.71
CA ASP A 218 -1.95 7.72 20.91
C ASP A 218 -1.67 6.50 21.79
N LYS A 219 -2.64 6.16 22.64
CA LYS A 219 -2.50 5.03 23.53
C LYS A 219 -3.70 4.08 23.47
N PRO A 220 -3.46 2.78 23.75
CA PRO A 220 -4.53 1.79 23.82
C PRO A 220 -5.62 2.20 24.79
N GLY A 221 -6.85 2.29 24.28
CA GLY A 221 -8.00 2.74 25.07
C GLY A 221 -7.99 4.24 25.34
N GLY A 222 -7.19 4.98 24.57
CA GLY A 222 -7.10 6.43 24.75
C GLY A 222 -8.17 7.17 23.97
N SER A 223 -8.08 8.50 23.97
CA SER A 223 -9.00 9.34 23.21
C SER A 223 -8.28 10.05 22.06
N PRO A 224 -8.95 10.12 20.89
CA PRO A 224 -8.40 10.84 19.73
C PRO A 224 -8.26 12.33 20.01
N ASP A 225 -7.15 12.90 19.55
CA ASP A 225 -6.86 14.32 19.75
C ASP A 225 -6.79 15.01 18.40
N PRO A 226 -7.95 15.45 17.87
CA PRO A 226 -8.03 16.05 16.54
C PRO A 226 -7.51 17.49 16.45
N SER A 227 -6.77 17.92 17.47
CA SER A 227 -6.25 19.29 17.52
C SER A 227 -4.72 19.34 17.40
N GLY A 228 -4.08 18.18 17.33
CA GLY A 228 -2.65 18.10 17.10
C GLY A 228 -2.34 18.36 15.63
N GLU A 229 -1.06 18.33 15.29
CA GLU A 229 -0.61 18.42 13.91
C GLU A 229 -0.88 17.11 13.19
N VAL A 230 -1.27 17.20 11.92
CA VAL A 230 -1.15 16.07 11.02
C VAL A 230 0.15 16.23 10.22
N ASN A 231 1.04 15.26 10.42
CA ASN A 231 2.38 15.26 9.87
C ASN A 231 2.55 13.95 9.09
N THR A 232 2.55 14.06 7.77
CA THR A 232 2.56 12.87 6.92
C THR A 232 3.94 12.25 6.70
N ASN A 233 4.95 12.78 7.40
CA ASN A 233 6.25 12.12 7.51
C ASN A 233 6.13 10.96 8.47
N VAL A 234 5.21 11.08 9.41
CA VAL A 234 5.01 10.10 10.47
C VAL A 234 4.24 8.91 9.90
N ALA A 235 4.87 7.74 9.92
CA ALA A 235 4.25 6.51 9.44
C ALA A 235 4.62 5.30 10.29
N TYR A 236 3.69 4.33 10.37
CA TYR A 236 3.99 3.04 10.97
C TYR A 236 3.94 1.97 9.89
N CYS A 237 4.97 1.12 9.85
CA CYS A 237 5.02 0.07 8.83
C CYS A 237 5.22 -1.30 9.44
N SER A 238 4.45 -2.26 8.93
CA SER A 238 4.61 -3.66 9.28
C SER A 238 5.46 -4.37 8.24
N VAL A 239 6.38 -5.22 8.68
CA VAL A 239 7.19 -6.00 7.75
C VAL A 239 6.65 -7.43 7.72
N LEU A 240 6.30 -7.89 6.51
CA LEU A 240 5.52 -9.11 6.34
C LEU A 240 6.18 -10.13 5.43
N ARG A 241 5.94 -11.40 5.74
CA ARG A 241 6.39 -12.49 4.89
C ARG A 241 5.18 -13.22 4.31
N SER A 242 5.24 -13.48 3.01
CA SER A 242 4.24 -14.32 2.38
C SER A 242 4.85 -15.14 1.27
N ARG A 243 3.99 -15.82 0.52
CA ARG A 243 4.37 -16.53 -0.68
C ARG A 243 3.16 -16.54 -1.60
N LEU A 244 3.36 -16.07 -2.82
CA LEU A 244 2.34 -16.17 -3.86
C LEU A 244 2.78 -17.22 -4.86
N GLY A 245 2.03 -18.31 -4.93
CA GLY A 245 2.41 -19.46 -5.74
C GLY A 245 3.68 -20.04 -5.16
N ASN A 246 4.72 -20.07 -5.98
CA ASN A 246 6.05 -20.50 -5.53
C ASN A 246 7.03 -19.32 -5.42
N HIS A 247 6.49 -18.11 -5.27
CA HIS A 247 7.26 -16.87 -5.15
C HIS A 247 7.27 -16.31 -3.74
N PRO A 248 8.34 -16.61 -2.95
CA PRO A 248 8.40 -16.06 -1.59
C PRO A 248 8.45 -14.55 -1.59
N LEU A 249 7.78 -13.92 -0.63
CA LEU A 249 7.65 -12.46 -0.59
C LEU A 249 8.06 -11.85 0.75
N LEU A 250 8.89 -10.80 0.66
CA LEU A 250 9.16 -9.91 1.79
C LEU A 250 8.80 -8.47 1.40
N PHE A 251 7.78 -7.93 2.05
CA PHE A 251 7.31 -6.60 1.75
C PHE A 251 6.81 -5.93 3.04
N SER A 252 6.74 -4.61 3.03
CA SER A 252 6.11 -3.89 4.14
C SER A 252 5.17 -2.82 3.65
N GLY A 253 4.10 -2.61 4.42
CA GLY A 253 3.16 -1.55 4.15
C GLY A 253 2.83 -0.69 5.36
N GLU A 254 2.49 0.57 5.08
CA GLU A 254 1.94 1.50 6.05
C GLU A 254 0.70 0.86 6.67
N VAL A 255 0.68 0.81 8.00
CA VAL A 255 -0.46 0.30 8.75
C VAL A 255 -1.09 1.45 9.53
N ASP A 256 -2.41 1.59 9.39
CA ASP A 256 -3.13 2.77 9.89
C ASP A 256 -3.29 2.79 11.39
N CYS A 257 -3.66 1.65 11.98
CA CYS A 257 -3.81 1.52 13.43
C CYS A 257 -3.98 0.07 13.91
N LEU A 258 -3.95 -0.10 15.23
CA LEU A 258 -4.13 -1.37 15.92
C LEU A 258 -5.47 -1.34 16.65
N ASN A 259 -6.25 -2.42 16.53
CA ASN A 259 -7.46 -2.55 17.32
C ASN A 259 -7.21 -3.32 18.62
N PRO A 260 -7.15 -2.60 19.76
CA PRO A 260 -6.81 -3.27 21.03
C PRO A 260 -7.96 -4.11 21.57
N GLN A 261 -9.07 -4.13 20.84
CA GLN A 261 -10.23 -4.91 21.23
C GLN A 261 -10.51 -6.07 20.27
N ALA A 262 -9.60 -6.27 19.32
CA ALA A 262 -9.65 -7.44 18.46
C ALA A 262 -9.25 -8.66 19.29
N PRO A 263 -10.16 -9.66 19.37
CA PRO A 263 -9.86 -10.88 20.12
C PRO A 263 -8.57 -11.57 19.64
N CYS A 264 -8.32 -11.56 18.33
CA CYS A 264 -7.00 -11.97 17.86
C CYS A 264 -6.02 -10.82 17.98
N THR A 265 -5.22 -10.85 19.05
CA THR A 265 -4.30 -9.77 19.39
C THR A 265 -2.99 -9.81 18.59
N GLN A 266 -2.88 -10.75 17.65
CA GLN A 266 -1.63 -10.96 16.92
C GLN A 266 -1.64 -10.31 15.53
N PRO A 267 -0.61 -9.49 15.21
CA PRO A 267 -0.54 -8.84 13.91
C PRO A 267 -0.31 -9.84 12.77
N PRO A 268 -0.87 -9.55 11.58
CA PRO A 268 -1.62 -8.34 11.23
C PRO A 268 -3.14 -8.38 11.45
N SER A 269 -3.65 -9.46 12.07
CA SER A 269 -5.09 -9.62 12.29
C SER A 269 -5.71 -8.47 13.07
N CYS A 270 -4.93 -7.89 13.96
CA CYS A 270 -5.40 -6.84 14.85
C CYS A 270 -5.35 -5.45 14.23
N TYR A 271 -4.84 -5.34 13.01
CA TYR A 271 -4.76 -4.03 12.36
C TYR A 271 -6.10 -3.60 11.76
N VAL A 272 -6.28 -2.29 11.65
CA VAL A 272 -7.45 -1.69 11.05
C VAL A 272 -7.00 -0.61 10.08
N GLU A 273 -7.57 -0.64 8.87
CA GLU A 273 -7.29 0.36 7.85
C GLU A 273 -8.42 1.40 7.88
N LEU A 274 -8.03 2.67 7.83
CA LEU A 274 -8.98 3.77 7.89
C LEU A 274 -9.06 4.48 6.54
N LYS A 275 -10.27 4.56 5.99
CA LYS A 275 -10.47 5.09 4.64
C LYS A 275 -11.48 6.23 4.56
N THR A 276 -11.38 7.02 3.50
CA THR A 276 -12.26 8.16 3.23
C THR A 276 -12.79 8.15 1.80
N SER A 277 -14.02 8.64 1.63
CA SER A 277 -14.61 8.73 0.30
C SER A 277 -15.84 9.62 0.29
N LYS A 278 -16.14 10.21 -0.87
CA LYS A 278 -17.37 10.99 -1.09
C LYS A 278 -18.60 10.24 -0.58
N GLU A 279 -19.47 10.95 0.13
CA GLU A 279 -20.80 10.47 0.49
C GLU A 279 -21.50 9.99 -0.77
N MET A 280 -22.35 8.98 -0.66
CA MET A 280 -23.02 8.45 -1.84
C MET A 280 -24.52 8.29 -1.65
N HIS A 281 -25.26 8.39 -2.75
CA HIS A 281 -26.72 8.36 -2.70
C HIS A 281 -27.35 7.37 -3.69
N SER A 282 -27.22 7.67 -4.99
CA SER A 282 -27.75 6.78 -6.03
C SER A 282 -27.08 5.40 -6.01
N PRO A 283 -27.81 4.36 -6.44
CA PRO A 283 -27.24 3.01 -6.63
C PRO A 283 -26.03 3.03 -7.56
N GLY A 284 -26.06 3.92 -8.55
CA GLY A 284 -24.99 4.07 -9.53
C GLY A 284 -23.68 4.53 -8.92
N GLN A 285 -23.76 5.35 -7.88
CA GLN A 285 -22.56 5.82 -7.19
C GLN A 285 -21.93 4.70 -6.36
N TRP A 286 -22.78 3.90 -5.73
CA TRP A 286 -22.33 2.74 -4.97
C TRP A 286 -21.72 1.68 -5.88
N ARG A 287 -22.42 1.37 -6.96
CA ARG A 287 -21.94 0.43 -7.99
C ARG A 287 -20.57 0.89 -8.51
N SER A 288 -20.44 2.18 -8.78
CA SER A 288 -19.20 2.75 -9.28
C SER A 288 -18.08 2.67 -8.23
N PHE A 289 -18.45 2.89 -6.98
CA PHE A 289 -17.52 2.76 -5.86
C PHE A 289 -17.05 1.30 -5.72
N TYR A 290 -17.98 0.35 -5.80
CA TYR A 290 -17.65 -1.08 -5.65
C TYR A 290 -16.67 -1.56 -6.73
N ARG A 291 -16.85 -1.09 -7.96
CA ARG A 291 -16.13 -1.60 -9.12
C ARG A 291 -14.69 -1.11 -9.22
N HIS A 292 -14.42 0.06 -8.67
CA HIS A 292 -13.12 0.70 -8.85
C HIS A 292 -12.38 0.96 -7.54
N LYS A 293 -12.93 1.81 -6.69
CA LYS A 293 -12.31 2.16 -5.42
C LYS A 293 -12.16 0.98 -4.45
N LEU A 294 -13.23 0.21 -4.28
CA LEU A 294 -13.18 -1.00 -3.44
C LEU A 294 -12.11 -1.98 -3.83
N LEU A 295 -11.87 -2.12 -5.14
CA LEU A 295 -10.80 -2.96 -5.63
C LEU A 295 -9.43 -2.56 -5.05
N LYS A 296 -9.15 -1.25 -5.03
CA LYS A 296 -7.91 -0.72 -4.47
C LYS A 296 -7.82 -1.03 -2.99
N TRP A 297 -8.91 -0.78 -2.28
CA TRP A 297 -8.96 -1.00 -0.83
C TRP A 297 -8.73 -2.48 -0.54
N TRP A 298 -9.38 -3.34 -1.32
CA TRP A 298 -9.24 -4.78 -1.16
C TRP A 298 -7.79 -5.23 -1.36
N ALA A 299 -7.20 -4.80 -2.46
CA ALA A 299 -5.83 -5.17 -2.78
C ALA A 299 -4.87 -4.69 -1.70
N GLN A 300 -5.02 -3.44 -1.28
CA GLN A 300 -4.11 -2.82 -0.32
C GLN A 300 -4.09 -3.57 1.02
N SER A 301 -5.26 -3.99 1.51
CA SER A 301 -5.36 -4.62 2.82
C SER A 301 -5.29 -6.15 2.77
N PHE A 302 -5.63 -6.73 1.61
CA PHE A 302 -5.55 -8.17 1.46
C PHE A 302 -4.11 -8.66 1.53
N LEU A 303 -3.22 -7.96 0.84
CA LEU A 303 -1.81 -8.33 0.79
C LEU A 303 -1.16 -8.50 2.17
N PRO A 304 -1.26 -7.47 3.06
CA PRO A 304 -0.70 -7.59 4.42
C PRO A 304 -1.52 -8.44 5.40
N GLY A 305 -2.72 -8.88 5.00
CA GLY A 305 -3.60 -9.65 5.89
C GLY A 305 -4.36 -8.80 6.90
N VAL A 306 -4.63 -7.55 6.54
CA VAL A 306 -5.49 -6.67 7.34
C VAL A 306 -6.96 -6.99 7.03
N PRO A 307 -7.70 -7.52 8.02
CA PRO A 307 -9.07 -7.99 7.78
C PRO A 307 -10.16 -6.92 7.94
N HIS A 308 -9.83 -5.81 8.57
CA HIS A 308 -10.80 -4.83 9.00
C HIS A 308 -10.51 -3.45 8.38
N VAL A 309 -11.43 -2.98 7.53
CA VAL A 309 -11.35 -1.65 6.91
C VAL A 309 -12.57 -0.80 7.30
N VAL A 310 -12.33 0.43 7.76
CA VAL A 310 -13.42 1.35 8.08
C VAL A 310 -13.40 2.58 7.15
N ALA A 311 -14.57 2.90 6.61
CA ALA A 311 -14.71 4.00 5.66
C ALA A 311 -15.47 5.15 6.26
N GLY A 312 -14.89 6.34 6.18
CA GLY A 312 -15.59 7.57 6.54
C GLY A 312 -16.06 8.26 5.29
N PHE A 313 -17.37 8.50 5.19
CA PHE A 313 -17.92 9.16 4.01
C PHE A 313 -18.04 10.64 4.28
N ARG A 314 -17.47 11.44 3.39
CA ARG A 314 -17.40 12.89 3.63
C ARG A 314 -18.43 13.71 2.87
N ASN A 315 -19.06 14.62 3.61
CA ASN A 315 -19.89 15.72 3.10
C ASN A 315 -19.29 16.54 1.97
N PRO A 316 -20.15 17.18 1.15
CA PRO A 316 -19.72 18.32 0.37
C PRO A 316 -19.15 19.44 1.25
N GLU A 317 -19.60 19.54 2.49
CA GLU A 317 -19.10 20.54 3.44
C GLU A 317 -17.83 20.06 4.20
N GLY A 318 -17.44 18.81 3.95
CA GLY A 318 -16.19 18.27 4.50
C GLY A 318 -16.28 17.66 5.87
N PHE A 319 -17.45 17.14 6.22
CA PHE A 319 -17.67 16.45 7.49
C PHE A 319 -17.91 14.97 7.23
N VAL A 320 -17.44 14.13 8.15
CA VAL A 320 -17.76 12.70 8.11
C VAL A 320 -18.94 12.43 9.05
N CYS A 321 -20.13 12.25 8.49
CA CYS A 321 -21.33 12.03 9.32
C CYS A 321 -21.78 10.58 9.37
N SER A 322 -21.12 9.72 8.60
CA SER A 322 -21.39 8.30 8.64
C SER A 322 -20.11 7.49 8.44
N LEU A 323 -20.03 6.37 9.15
CA LEU A 323 -18.97 5.38 8.97
C LEU A 323 -19.55 4.08 8.41
N LYS A 324 -18.71 3.31 7.72
CA LYS A 324 -19.12 1.98 7.29
C LYS A 324 -17.92 1.05 7.32
N THR A 325 -18.16 -0.14 7.85
CA THR A 325 -17.12 -1.14 7.98
C THR A 325 -17.18 -2.11 6.80
N PHE A 326 -16.01 -2.35 6.23
CA PHE A 326 -15.86 -3.33 5.19
C PHE A 326 -14.81 -4.32 5.65
N PRO A 327 -15.25 -5.52 6.07
CA PRO A 327 -14.30 -6.59 6.35
C PRO A 327 -13.66 -6.95 5.03
N THR A 328 -12.33 -7.08 5.01
CA THR A 328 -11.60 -7.33 3.77
C THR A 328 -12.16 -8.52 2.99
N MET A 329 -12.53 -9.57 3.71
CA MET A 329 -13.01 -10.80 3.10
C MET A 329 -14.40 -10.66 2.48
N GLU A 330 -15.09 -9.58 2.83
CA GLU A 330 -16.45 -9.34 2.36
C GLU A 330 -16.53 -8.43 1.16
N MET A 331 -15.41 -7.78 0.82
CA MET A 331 -15.39 -6.77 -0.24
C MET A 331 -15.86 -7.25 -1.62
N PHE A 332 -15.40 -8.45 -2.00
CA PHE A 332 -15.78 -9.08 -3.26
C PHE A 332 -17.30 -9.36 -3.40
N GLU A 333 -17.99 -9.60 -2.27
CA GLU A 333 -19.44 -9.86 -2.29
C GLU A 333 -20.23 -8.69 -2.90
N ASN A 334 -19.63 -7.51 -2.93
CA ASN A 334 -20.26 -6.34 -3.50
C ASN A 334 -20.23 -6.35 -5.03
N VAL A 335 -19.36 -7.17 -5.61
CA VAL A 335 -19.20 -7.26 -7.07
C VAL A 335 -19.29 -8.70 -7.61
N ARG A 336 -19.66 -9.64 -6.75
CA ARG A 336 -19.71 -11.06 -7.12
C ARG A 336 -20.65 -11.32 -8.30
N ASN A 337 -21.83 -10.74 -8.24
CA ASN A 337 -22.83 -10.90 -9.30
C ASN A 337 -22.75 -9.84 -10.40
N ASP A 338 -21.81 -8.91 -10.26
CA ASP A 338 -21.64 -7.82 -11.22
C ASP A 338 -20.86 -8.27 -12.45
N ARG A 339 -21.49 -8.15 -13.62
CA ARG A 339 -20.83 -8.50 -14.89
C ARG A 339 -19.59 -7.64 -15.19
N GLU A 340 -19.50 -6.48 -14.55
CA GLU A 340 -18.39 -5.55 -14.78
C GLU A 340 -17.55 -5.36 -13.51
N GLY A 341 -17.63 -6.34 -12.61
CA GLY A 341 -16.90 -6.31 -11.35
C GLY A 341 -15.46 -6.73 -11.51
N TRP A 342 -14.75 -6.81 -10.40
CA TRP A 342 -13.38 -7.30 -10.39
C TRP A 342 -13.34 -8.68 -9.75
N ASN A 343 -12.23 -9.40 -9.94
CA ASN A 343 -12.09 -10.74 -9.37
C ASN A 343 -10.75 -10.95 -8.66
N PRO A 344 -10.80 -11.25 -7.35
CA PRO A 344 -9.63 -11.45 -6.49
C PRO A 344 -8.57 -12.37 -7.11
N SER A 345 -9.00 -13.44 -7.76
CA SER A 345 -8.06 -14.40 -8.31
C SER A 345 -7.49 -13.97 -9.66
N VAL A 346 -8.19 -13.08 -10.36
CA VAL A 346 -7.61 -12.40 -11.53
C VAL A 346 -6.42 -11.54 -11.09
N CYS A 347 -6.62 -10.75 -10.04
CA CYS A 347 -5.57 -9.88 -9.49
C CYS A 347 -4.34 -10.69 -9.11
N MET A 348 -4.57 -11.80 -8.44
CA MET A 348 -3.50 -12.62 -7.87
C MET A 348 -2.79 -13.46 -8.92
N ASN A 349 -3.55 -14.02 -9.86
CA ASN A 349 -2.96 -14.78 -10.96
C ASN A 349 -2.11 -13.89 -11.86
N PHE A 350 -2.58 -12.69 -12.15
CA PHE A 350 -1.75 -11.74 -12.88
C PHE A 350 -0.47 -11.45 -12.10
N CYS A 351 -0.63 -11.20 -10.80
CA CYS A 351 0.48 -10.84 -9.94
C CYS A 351 1.54 -11.94 -9.92
N ALA A 352 1.09 -13.19 -9.78
CA ALA A 352 1.97 -14.36 -9.85
C ALA A 352 2.68 -14.45 -11.20
N ALA A 353 1.93 -14.23 -12.27
CA ALA A 353 2.49 -14.26 -13.62
C ALA A 353 3.53 -13.16 -13.80
N PHE A 354 3.28 -11.98 -13.23
CA PHE A 354 4.25 -10.91 -13.29
C PHE A 354 5.54 -11.23 -12.55
N LEU A 355 5.41 -11.78 -11.34
CA LEU A 355 6.56 -12.15 -10.53
C LEU A 355 7.39 -13.17 -11.29
N SER A 356 6.70 -14.17 -11.83
CA SER A 356 7.31 -15.20 -12.65
C SER A 356 8.08 -14.58 -13.82
N PHE A 357 7.41 -13.69 -14.54
CA PHE A 357 7.96 -12.94 -15.66
C PHE A 357 9.22 -12.16 -15.25
N ALA A 358 9.14 -11.45 -14.13
CA ALA A 358 10.27 -10.67 -13.63
C ALA A 358 11.45 -11.54 -13.20
N GLN A 359 11.16 -12.66 -12.54
CA GLN A 359 12.19 -13.59 -12.09
C GLN A 359 12.98 -14.15 -13.27
N SER A 360 12.27 -14.64 -14.28
CA SER A 360 12.90 -15.21 -15.47
C SER A 360 13.57 -14.18 -16.39
N THR A 361 13.08 -12.93 -16.38
CA THR A 361 13.68 -11.86 -17.18
C THR A 361 14.97 -11.36 -16.56
N VAL A 362 14.97 -11.12 -15.25
CA VAL A 362 16.18 -10.63 -14.59
C VAL A 362 17.08 -11.82 -14.28
N VAL A 363 18.03 -12.10 -15.18
CA VAL A 363 18.89 -13.26 -15.06
C VAL A 363 20.16 -12.91 -14.26
N GLN A 364 20.78 -11.80 -14.64
CA GLN A 364 22.04 -11.34 -14.06
C GLN A 364 21.88 -10.90 -12.60
N ASP A 365 22.75 -11.44 -11.75
CA ASP A 365 22.83 -10.99 -10.35
C ASP A 365 23.77 -9.78 -10.28
N ASP A 366 23.19 -8.58 -10.32
CA ASP A 366 23.92 -7.33 -10.41
C ASP A 366 23.09 -6.19 -9.81
N PRO A 367 23.59 -5.57 -8.72
CA PRO A 367 22.89 -4.46 -8.06
C PRO A 367 22.88 -3.16 -8.86
N ARG A 368 23.73 -3.07 -9.88
CA ARG A 368 23.81 -1.88 -10.75
C ARG A 368 22.90 -2.00 -11.96
N LEU A 369 22.45 -3.22 -12.25
CA LEU A 369 21.63 -3.49 -13.40
C LEU A 369 20.14 -3.42 -13.05
N VAL A 370 19.38 -2.73 -13.89
CA VAL A 370 17.95 -2.53 -13.69
C VAL A 370 17.16 -2.97 -14.92
N HIS A 371 16.20 -3.87 -14.72
CA HIS A 371 15.22 -4.17 -15.74
C HIS A 371 13.99 -3.36 -15.44
N LEU A 372 13.76 -2.30 -16.21
CA LEU A 372 12.61 -1.44 -16.01
C LEU A 372 11.35 -2.01 -16.65
N PHE A 373 10.40 -2.43 -15.81
CA PHE A 373 9.09 -2.92 -16.27
C PHE A 373 8.10 -1.77 -16.36
N SER A 374 7.53 -1.56 -17.54
CA SER A 374 6.59 -0.45 -17.75
C SER A 374 5.22 -0.96 -18.12
N TRP A 375 4.20 -0.24 -17.69
CA TRP A 375 2.85 -0.59 -18.10
C TRP A 375 1.97 0.65 -18.26
N GLU A 376 1.15 0.61 -19.29
CA GLU A 376 0.13 1.63 -19.54
C GLU A 376 -1.20 0.93 -19.83
N PRO A 377 -2.32 1.50 -19.35
CA PRO A 377 -3.64 0.93 -19.59
C PRO A 377 -3.87 0.61 -21.06
N GLY A 378 -4.46 -0.55 -21.33
CA GLY A 378 -4.72 -1.00 -22.70
C GLY A 378 -3.48 -1.49 -23.42
N GLY A 379 -2.50 -1.96 -22.67
CA GLY A 379 -1.25 -2.47 -23.24
C GLY A 379 -0.57 -3.51 -22.36
N PRO A 380 0.47 -4.19 -22.90
CA PRO A 380 1.12 -5.22 -22.09
C PRO A 380 2.23 -4.59 -21.27
N VAL A 381 2.75 -5.36 -20.31
CA VAL A 381 3.96 -4.97 -19.57
C VAL A 381 5.15 -5.18 -20.50
N THR A 382 5.97 -4.16 -20.67
CA THR A 382 7.16 -4.26 -21.53
C THR A 382 8.41 -4.04 -20.69
N VAL A 383 9.58 -4.36 -21.26
CA VAL A 383 10.83 -4.33 -20.50
C VAL A 383 11.86 -3.47 -21.19
N SER A 384 12.66 -2.78 -20.39
CA SER A 384 13.87 -2.13 -20.89
C SER A 384 15.01 -2.38 -19.91
N VAL A 385 16.23 -2.44 -20.41
CA VAL A 385 17.41 -2.64 -19.57
C VAL A 385 18.13 -1.31 -19.38
N HIS A 386 18.69 -1.11 -18.20
CA HIS A 386 19.38 0.13 -17.84
C HIS A 386 20.50 -0.17 -16.86
N ARG A 387 21.54 0.66 -16.87
CA ARG A 387 22.66 0.46 -15.96
C ARG A 387 22.95 1.73 -15.19
N ASP A 388 23.29 1.58 -13.90
CA ASP A 388 23.64 2.71 -13.02
C ASP A 388 22.56 3.81 -12.99
N ALA A 389 23.00 5.06 -12.91
CA ALA A 389 22.10 6.21 -12.85
C ALA A 389 21.34 6.41 -14.16
N PRO A 390 20.08 6.91 -14.08
CA PRO A 390 19.36 7.29 -12.86
C PRO A 390 18.50 6.19 -12.25
N TYR A 391 18.53 4.98 -12.82
CA TYR A 391 17.57 3.91 -12.44
C TYR A 391 18.03 2.97 -11.33
N ALA A 392 19.34 2.82 -11.13
CA ALA A 392 19.84 2.02 -10.02
C ALA A 392 19.32 2.59 -8.69
N PHE A 393 18.93 1.69 -7.78
CA PHE A 393 18.25 2.12 -6.56
C PHE A 393 18.79 1.47 -5.27
N LEU A 394 19.52 0.36 -5.40
CA LEU A 394 20.13 -0.27 -4.23
C LEU A 394 21.39 0.51 -3.85
N PRO A 395 21.39 1.12 -2.65
CA PRO A 395 22.51 1.98 -2.27
C PRO A 395 23.76 1.17 -1.90
N SER A 396 24.92 1.74 -2.20
CA SER A 396 26.22 1.13 -1.87
C SER A 396 26.30 0.66 -0.41
N TRP A 397 25.79 1.46 0.51
CA TRP A 397 25.91 1.14 1.93
C TRP A 397 25.22 -0.19 2.25
N TYR A 398 24.25 -0.57 1.41
CA TYR A 398 23.49 -1.79 1.61
C TYR A 398 24.19 -2.98 0.94
N VAL A 399 24.63 -2.76 -0.30
CA VAL A 399 25.31 -3.77 -1.10
C VAL A 399 26.58 -4.25 -0.40
N GLU A 400 27.41 -3.29 0.03
CA GLU A 400 28.65 -3.60 0.73
C GLU A 400 28.38 -4.38 2.03
N THR A 401 27.40 -3.92 2.81
CA THR A 401 27.13 -4.51 4.12
C THR A 401 26.49 -5.90 4.03
N MET A 402 25.68 -6.12 3.00
CA MET A 402 25.10 -7.45 2.76
C MET A 402 26.12 -8.43 2.18
N THR A 403 27.20 -7.89 1.60
CA THR A 403 28.26 -8.67 1.01
C THR A 403 29.21 -9.21 2.08
N GLN A 404 29.19 -8.59 3.25
CA GLN A 404 30.05 -9.01 4.37
C GLN A 404 29.26 -9.91 5.31
#